data_2GRW
#
_entry.id   2GRW
#
_entity_poly.entity_id   1
_entity_poly.type   'polyribonucleotide'
_entity_poly.pdbx_seq_one_letter_code
;GGACCUCUCGAAAGAGAUGUCC
;
_entity_poly.pdbx_strand_id   A
#
loop_
_chem_comp.id
_chem_comp.type
_chem_comp.name
_chem_comp.formula
A RNA linking ADENOSINE-5'-MONOPHOSPHATE 'C10 H14 N5 O7 P'
C RNA linking CYTIDINE-5'-MONOPHOSPHATE 'C9 H14 N3 O8 P'
G RNA linking GUANOSINE-5'-MONOPHOSPHATE 'C10 H14 N5 O8 P'
U RNA linking URIDINE-5'-MONOPHOSPHATE 'C9 H13 N2 O9 P'
#